data_5OU2
#
_entry.id   5OU2
#
_cell.length_a   88.480
_cell.length_b   88.480
_cell.length_c   84.470
_cell.angle_alpha   90.00
_cell.angle_beta   90.00
_cell.angle_gamma   90.00
#
_symmetry.space_group_name_H-M   'I 4'
#
loop_
_entity.id
_entity.type
_entity.pdbx_description
1 polymer "Inosine-5'-monophosphate dehydrogenase,Inosine-5'-monophosphate dehydrogenase"
2 non-polymer 'INOSINIC ACID'
3 non-polymer 4-(4-bromophenyl)-1H-imidazole
4 water water
#
_entity_poly.entity_id   1
_entity_poly.type   'polypeptide(L)'
_entity_poly.pdbx_seq_one_letter_code
;GSSIAERSVPIAVPVPTGGDDPTKIAMLGLTFDDVLLLPAASDVLPANADTSSQLTKKIRLKVPLVSSAMDTVTEARMAI
AMARAGGMGVLHRNLPVAEQAAQVETVKRSGGLLVGAAVGVGDDAWERAMALRDAGVDVLVVDTAHAHNRKVLDMVHRLK
TTVGDEIEVVGGNVATRAAAAALVEAGADAVKVGVGPGSICTTRVVAGVGAPQITAILEAVAACAPHGVPVIADGGLQYS
GDIAKALAAGASTAMLGSLLAGTAESPGELILVNGKQFKSYRGMGSLGAMQGRGGAKSYSKDRYFQDDALSEDKLVPEGI
EGRVPFRGPLSTVIHQLVGGLRAAMGYTGSATIEELQQAQFVQITAAGLKESHPHDITMTVEAPNYYAR
;
_entity_poly.pdbx_strand_id   A
#
# COMPACT_ATOMS: atom_id res chain seq x y z
N VAL A 15 -30.34 0.48 21.69
CA VAL A 15 -29.60 0.54 20.44
C VAL A 15 -30.48 0.15 19.26
N PRO A 16 -30.62 1.06 18.28
CA PRO A 16 -31.55 0.86 17.16
C PRO A 16 -31.24 -0.39 16.34
N THR A 17 -29.98 -0.83 16.34
CA THR A 17 -29.62 -2.01 15.55
C THR A 17 -29.55 -3.32 16.32
N GLY A 18 -29.91 -3.30 17.61
CA GLY A 18 -30.00 -4.53 18.38
C GLY A 18 -29.10 -4.61 19.59
N GLY A 19 -29.62 -5.26 20.63
CA GLY A 19 -28.93 -5.40 21.89
C GLY A 19 -28.93 -4.11 22.68
N ASP A 20 -28.18 -4.11 23.77
CA ASP A 20 -28.16 -2.94 24.66
C ASP A 20 -26.78 -2.29 24.75
N ASP A 21 -25.86 -2.70 23.89
CA ASP A 21 -24.49 -2.19 23.93
C ASP A 21 -24.21 -1.31 22.73
N PRO A 22 -24.10 0.01 22.94
CA PRO A 22 -23.84 0.96 21.84
C PRO A 22 -22.48 0.77 21.19
N THR A 23 -21.56 0.07 21.85
CA THR A 23 -20.21 -0.08 21.32
C THR A 23 -20.04 -1.35 20.49
N LYS A 24 -21.06 -2.21 20.48
CA LYS A 24 -20.96 -3.48 19.77
C LYS A 24 -20.73 -3.24 18.28
N ILE A 25 -21.48 -2.30 17.74
CA ILE A 25 -21.22 -1.81 16.39
C ILE A 25 -20.52 -0.45 16.58
N ALA A 26 -19.21 -0.48 16.43
CA ALA A 26 -18.32 0.56 16.93
C ALA A 26 -18.22 1.79 16.04
N MET A 27 -18.46 1.61 14.74
CA MET A 27 -18.36 2.71 13.78
CA MET A 27 -18.33 2.69 13.77
C MET A 27 -19.12 2.38 12.50
N LEU A 28 -19.30 3.38 11.65
CA LEU A 28 -19.82 3.19 10.30
C LEU A 28 -18.64 3.33 9.35
N GLY A 29 -18.31 2.24 8.67
CA GLY A 29 -17.12 2.23 7.84
C GLY A 29 -17.39 2.64 6.42
N LEU A 30 -16.64 3.64 5.96
CA LEU A 30 -16.76 4.12 4.59
C LEU A 30 -15.62 3.59 3.74
N THR A 31 -15.95 3.23 2.49
CA THR A 31 -14.94 2.83 1.53
C THR A 31 -14.75 3.97 0.53
N PHE A 32 -13.84 3.78 -0.42
CA PHE A 32 -13.58 4.82 -1.42
C PHE A 32 -14.85 5.25 -2.16
N ASP A 33 -15.67 4.28 -2.54
CA ASP A 33 -16.87 4.59 -3.32
C ASP A 33 -17.90 5.41 -2.53
N ASP A 34 -17.73 5.48 -1.22
CA ASP A 34 -18.69 6.21 -0.38
C ASP A 34 -18.45 7.71 -0.35
N VAL A 35 -17.33 8.20 -0.88
CA VAL A 35 -17.00 9.61 -0.74
C VAL A 35 -16.51 10.19 -2.05
N LEU A 36 -16.64 11.50 -2.18
CA LEU A 36 -15.98 12.26 -3.23
C LEU A 36 -15.28 13.43 -2.58
N LEU A 37 -14.19 13.89 -3.20
CA LEU A 37 -13.53 15.12 -2.79
C LEU A 37 -14.29 16.34 -3.28
N LEU A 38 -14.48 17.30 -2.38
CA LEU A 38 -15.12 18.55 -2.77
C LEU A 38 -14.13 19.49 -3.41
N PRO A 39 -14.52 20.10 -4.54
CA PRO A 39 -13.68 21.17 -5.09
C PRO A 39 -13.59 22.29 -4.08
N ALA A 40 -12.49 23.02 -4.12
CA ALA A 40 -12.27 24.13 -3.19
C ALA A 40 -11.55 25.26 -3.94
N ALA A 41 -11.42 26.41 -3.27
CA ALA A 41 -10.69 27.52 -3.86
C ALA A 41 -9.29 27.05 -4.25
N SER A 42 -8.88 27.39 -5.47
CA SER A 42 -7.61 26.91 -5.99
C SER A 42 -6.87 27.91 -6.86
N ASP A 43 -5.57 28.03 -6.60
CA ASP A 43 -4.66 28.68 -7.53
C ASP A 43 -3.58 27.70 -7.92
N VAL A 44 -3.93 26.41 -7.91
CA VAL A 44 -3.03 25.33 -8.26
C VAL A 44 -3.49 24.69 -9.56
N LEU A 45 -2.72 24.86 -10.63
CA LEU A 45 -2.94 24.12 -11.86
C LEU A 45 -2.43 22.71 -11.67
N PRO A 46 -3.16 21.70 -12.19
CA PRO A 46 -2.71 20.31 -12.06
C PRO A 46 -1.25 20.11 -12.46
N ALA A 47 -0.81 20.75 -13.54
CA ALA A 47 0.57 20.59 -14.00
C ALA A 47 1.60 21.16 -13.01
N ASN A 48 1.16 22.06 -12.13
CA ASN A 48 2.10 22.73 -11.22
C ASN A 48 2.12 22.15 -9.81
N ALA A 49 1.21 21.21 -9.55
CA ALA A 49 1.17 20.59 -8.24
C ALA A 49 2.45 19.82 -7.94
N ASP A 50 2.80 19.73 -6.66
CA ASP A 50 3.97 18.99 -6.22
C ASP A 50 3.45 17.67 -5.66
N THR A 51 3.74 16.56 -6.34
CA THR A 51 3.20 15.25 -5.94
C THR A 51 4.08 14.49 -4.94
N SER A 52 5.18 15.08 -4.49
CA SER A 52 6.08 14.37 -3.59
C SER A 52 5.44 14.09 -2.24
N SER A 53 5.85 13.01 -1.60
CA SER A 53 5.28 12.67 -0.31
C SER A 53 6.16 11.72 0.47
N GLN A 54 6.02 11.71 1.79
CA GLN A 54 6.79 10.81 2.64
C GLN A 54 6.30 9.38 2.52
N LEU A 55 7.19 8.48 2.10
CA LEU A 55 6.93 7.04 2.21
C LEU A 55 7.13 6.63 3.66
N THR A 56 8.22 7.11 4.25
CA THR A 56 8.53 6.84 5.65
C THR A 56 8.98 8.15 6.28
N LYS A 57 9.27 8.15 7.58
CA LYS A 57 9.73 9.37 8.24
C LYS A 57 10.86 10.06 7.47
N LYS A 58 11.81 9.27 6.96
CA LYS A 58 12.99 9.84 6.31
C LYS A 58 12.93 9.87 4.80
N ILE A 59 12.16 8.98 4.18
CA ILE A 59 12.25 8.82 2.73
C ILE A 59 11.07 9.49 2.05
N ARG A 60 11.36 10.45 1.18
CA ARG A 60 10.34 11.15 0.42
C ARG A 60 10.42 10.70 -1.04
N LEU A 61 9.27 10.34 -1.61
CA LEU A 61 9.20 9.93 -3.00
C LEU A 61 8.69 11.05 -3.89
N LYS A 62 9.10 11.05 -5.15
CA LYS A 62 8.61 12.03 -6.10
C LYS A 62 7.14 11.83 -6.45
N VAL A 63 6.69 10.58 -6.46
CA VAL A 63 5.33 10.19 -6.76
C VAL A 63 4.90 9.29 -5.61
N PRO A 64 3.69 9.50 -5.05
CA PRO A 64 3.35 8.87 -3.77
C PRO A 64 2.77 7.46 -3.95
N LEU A 65 3.47 6.63 -4.72
CA LEU A 65 2.96 5.33 -5.08
C LEU A 65 4.00 4.25 -4.90
N VAL A 66 3.61 3.14 -4.31
N VAL A 66 3.56 3.13 -4.36
CA VAL A 66 4.51 1.98 -4.20
CA VAL A 66 4.41 1.97 -4.15
C VAL A 66 3.78 0.71 -4.63
C VAL A 66 3.73 0.76 -4.76
N SER A 67 4.51 -0.20 -5.27
CA SER A 67 3.91 -1.42 -5.79
C SER A 67 3.87 -2.52 -4.74
N SER A 68 2.79 -3.31 -4.76
CA SER A 68 2.55 -4.34 -3.74
C SER A 68 3.60 -5.43 -3.74
N ALA A 69 3.87 -5.95 -2.55
CA ALA A 69 4.82 -7.04 -2.37
C ALA A 69 4.12 -8.35 -2.69
N MET A 70 3.87 -8.57 -3.97
CA MET A 70 3.12 -9.73 -4.44
C MET A 70 3.85 -10.36 -5.61
N ASP A 71 3.75 -11.68 -5.74
CA ASP A 71 4.50 -12.37 -6.78
C ASP A 71 3.91 -12.24 -8.20
N THR A 72 2.79 -11.54 -8.32
CA THR A 72 2.28 -11.17 -9.63
C THR A 72 2.33 -9.67 -9.84
N VAL A 73 3.07 -8.97 -8.97
CA VAL A 73 3.22 -7.52 -9.09
C VAL A 73 4.68 -7.04 -9.09
N THR A 74 5.44 -7.39 -8.05
CA THR A 74 6.77 -6.80 -7.89
C THR A 74 7.95 -7.75 -7.75
N GLU A 75 8.69 -7.87 -8.84
CA GLU A 75 10.05 -8.39 -8.78
C GLU A 75 11.00 -7.30 -9.24
N ALA A 76 12.24 -7.64 -9.56
CA ALA A 76 13.22 -6.61 -9.84
C ALA A 76 12.81 -5.63 -10.96
N ARG A 77 12.23 -6.17 -12.04
CA ARG A 77 11.84 -5.33 -13.17
C ARG A 77 10.84 -4.26 -12.75
N MET A 78 9.83 -4.67 -11.97
CA MET A 78 8.85 -3.71 -11.45
C MET A 78 9.47 -2.70 -10.49
N ALA A 79 10.34 -3.17 -9.59
CA ALA A 79 10.97 -2.27 -8.64
C ALA A 79 11.82 -1.20 -9.35
N ILE A 80 12.55 -1.61 -10.37
CA ILE A 80 13.36 -0.67 -11.14
C ILE A 80 12.47 0.36 -11.84
N ALA A 81 11.41 -0.12 -12.48
CA ALA A 81 10.51 0.79 -13.20
C ALA A 81 9.80 1.75 -12.24
N MET A 82 9.33 1.25 -11.10
CA MET A 82 8.71 2.11 -10.11
C MET A 82 9.63 3.19 -9.57
N ALA A 83 10.87 2.84 -9.25
CA ALA A 83 11.83 3.82 -8.76
C ALA A 83 12.13 4.88 -9.82
N ARG A 84 12.29 4.44 -11.07
CA ARG A 84 12.54 5.39 -12.15
C ARG A 84 11.37 6.33 -12.37
N ALA A 85 10.16 5.86 -12.09
CA ALA A 85 8.96 6.67 -12.23
C ALA A 85 8.75 7.61 -11.04
N GLY A 86 9.57 7.46 -10.01
CA GLY A 86 9.52 8.35 -8.88
C GLY A 86 8.84 7.74 -7.65
N GLY A 87 8.43 6.48 -7.77
CA GLY A 87 7.83 5.75 -6.68
C GLY A 87 8.80 4.72 -6.12
N MET A 88 8.28 3.58 -5.69
CA MET A 88 9.16 2.50 -5.21
C MET A 88 8.44 1.18 -5.31
N GLY A 89 9.21 0.11 -5.46
CA GLY A 89 8.65 -1.23 -5.41
C GLY A 89 8.99 -1.90 -4.11
N VAL A 90 8.10 -2.77 -3.64
CA VAL A 90 8.41 -3.62 -2.49
C VAL A 90 8.48 -5.05 -3.00
N LEU A 91 9.69 -5.62 -3.01
CA LEU A 91 9.88 -6.97 -3.52
C LEU A 91 9.16 -8.00 -2.66
N HIS A 92 8.44 -8.92 -3.31
CA HIS A 92 7.69 -9.93 -2.57
C HIS A 92 8.63 -10.94 -1.92
N ARG A 93 8.10 -11.70 -0.97
CA ARG A 93 8.92 -12.63 -0.19
C ARG A 93 8.53 -14.09 -0.40
N ASN A 94 7.80 -14.38 -1.47
CA ASN A 94 7.43 -15.76 -1.80
C ASN A 94 8.50 -16.41 -2.65
N LEU A 95 9.71 -16.44 -2.13
CA LEU A 95 10.86 -17.00 -2.82
C LEU A 95 12.00 -17.13 -1.83
N PRO A 96 13.02 -17.95 -2.16
CA PRO A 96 14.14 -18.11 -1.23
C PRO A 96 14.84 -16.80 -0.88
N VAL A 97 15.40 -16.74 0.32
CA VAL A 97 16.08 -15.55 0.81
C VAL A 97 17.16 -15.06 -0.15
N ALA A 98 17.99 -15.99 -0.64
CA ALA A 98 19.06 -15.62 -1.56
C ALA A 98 18.54 -14.97 -2.85
N GLU A 99 17.42 -15.43 -3.34
CA GLU A 99 16.84 -14.91 -4.54
C GLU A 99 16.28 -13.52 -4.33
N GLN A 100 15.59 -13.32 -3.23
CA GLN A 100 15.06 -12.00 -2.92
C GLN A 100 16.20 -11.01 -2.75
N ALA A 101 17.25 -11.43 -2.04
CA ALA A 101 18.42 -10.59 -1.85
C ALA A 101 19.08 -10.24 -3.19
N ALA A 102 19.13 -11.22 -4.09
CA ALA A 102 19.71 -11.03 -5.41
C ALA A 102 18.88 -10.03 -6.24
N GLN A 103 17.57 -10.02 -6.02
CA GLN A 103 16.73 -9.05 -6.70
C GLN A 103 17.00 -7.63 -6.20
N VAL A 104 17.23 -7.47 -4.89
CA VAL A 104 17.62 -6.19 -4.32
C VAL A 104 18.89 -5.68 -4.99
N GLU A 105 19.87 -6.56 -5.14
CA GLU A 105 21.12 -6.17 -5.77
C GLU A 105 20.97 -5.79 -7.22
N THR A 106 20.14 -6.51 -7.93
CA THR A 106 19.80 -6.19 -9.31
C THR A 106 19.24 -4.77 -9.43
N VAL A 107 18.36 -4.40 -8.51
CA VAL A 107 17.76 -3.07 -8.51
C VAL A 107 18.82 -2.01 -8.20
N LYS A 108 19.61 -2.23 -7.15
CA LYS A 108 20.62 -1.26 -6.75
C LYS A 108 21.69 -1.08 -7.82
N ARG A 109 21.88 -2.08 -8.67
CA ARG A 109 22.86 -2.01 -9.76
C ARG A 109 22.31 -1.34 -11.02
N SER A 110 21.08 -0.89 -10.93
CA SER A 110 20.51 -0.13 -12.04
C SER A 110 20.45 1.35 -11.68
N GLY A 111 21.49 1.81 -10.99
CA GLY A 111 21.56 3.19 -10.57
C GLY A 111 21.22 3.35 -9.10
N GLY A 112 21.20 4.60 -8.63
CA GLY A 112 20.88 4.87 -7.25
C GLY A 112 19.38 4.83 -7.04
N LEU A 113 18.80 3.64 -7.17
CA LEU A 113 17.35 3.48 -7.07
C LEU A 113 16.92 2.96 -5.70
N LEU A 114 15.90 3.60 -5.14
CA LEU A 114 15.29 3.13 -3.91
C LEU A 114 14.59 1.80 -4.12
N VAL A 115 14.66 0.93 -3.12
CA VAL A 115 13.94 -0.33 -3.17
C VAL A 115 13.56 -0.81 -1.77
N GLY A 116 12.41 -1.45 -1.69
CA GLY A 116 11.98 -2.10 -0.46
C GLY A 116 11.81 -3.59 -0.65
N ALA A 117 11.67 -4.30 0.47
CA ALA A 117 11.48 -5.74 0.42
C ALA A 117 10.68 -6.19 1.63
N ALA A 118 9.78 -7.15 1.41
CA ALA A 118 8.94 -7.67 2.48
C ALA A 118 9.62 -8.77 3.26
N VAL A 119 9.35 -8.80 4.56
CA VAL A 119 9.71 -9.93 5.40
C VAL A 119 8.51 -10.25 6.29
N GLY A 120 8.43 -11.50 6.73
CA GLY A 120 7.36 -11.89 7.63
C GLY A 120 7.82 -11.88 9.07
N VAL A 121 7.23 -12.75 9.89
CA VAL A 121 7.68 -12.88 11.28
C VAL A 121 7.94 -14.34 11.64
N GLY A 122 8.03 -15.18 10.62
CA GLY A 122 8.28 -16.59 10.80
C GLY A 122 9.72 -16.90 11.18
N ASP A 123 10.06 -18.19 11.20
CA ASP A 123 11.36 -18.64 11.67
C ASP A 123 12.54 -18.06 10.88
N ASP A 124 12.34 -17.84 9.58
CA ASP A 124 13.42 -17.38 8.71
C ASP A 124 13.40 -15.88 8.41
N ALA A 125 12.48 -15.18 9.05
CA ALA A 125 12.27 -13.76 8.78
C ALA A 125 13.48 -12.90 9.14
N TRP A 126 14.07 -13.16 10.31
CA TRP A 126 15.24 -12.40 10.73
C TRP A 126 16.42 -12.59 9.77
N GLU A 127 16.68 -13.86 9.41
CA GLU A 127 17.72 -14.19 8.45
C GLU A 127 17.46 -13.48 7.13
N ARG A 128 16.19 -13.48 6.72
CA ARG A 128 15.80 -12.82 5.48
C ARG A 128 16.11 -11.34 5.57
N ALA A 129 15.70 -10.72 6.66
CA ALA A 129 15.95 -9.30 6.88
C ALA A 129 17.43 -8.92 6.81
N MET A 130 18.28 -9.73 7.43
N MET A 130 18.28 -9.74 7.44
CA MET A 130 19.72 -9.45 7.45
CA MET A 130 19.71 -9.43 7.44
C MET A 130 20.34 -9.59 6.06
C MET A 130 20.33 -9.57 6.05
N ALA A 131 19.87 -10.55 5.28
CA ALA A 131 20.37 -10.74 3.92
C ALA A 131 19.96 -9.58 3.02
N LEU A 132 18.75 -9.08 3.24
CA LEU A 132 18.26 -7.92 2.49
C LEU A 132 19.05 -6.68 2.89
N ARG A 133 19.34 -6.56 4.17
CA ARG A 133 20.18 -5.48 4.69
C ARG A 133 21.53 -5.51 3.99
N ASP A 134 22.13 -6.69 3.94
CA ASP A 134 23.44 -6.88 3.30
C ASP A 134 23.40 -6.51 1.82
N ALA A 135 22.28 -6.76 1.16
CA ALA A 135 22.11 -6.49 -0.26
C ALA A 135 21.89 -5.00 -0.56
N GLY A 136 21.67 -4.21 0.48
CA GLY A 136 21.55 -2.77 0.34
C GLY A 136 20.12 -2.26 0.26
N VAL A 137 19.17 -3.01 0.81
CA VAL A 137 17.77 -2.60 0.76
C VAL A 137 17.59 -1.28 1.52
N ASP A 138 16.65 -0.45 1.06
CA ASP A 138 16.43 0.83 1.72
C ASP A 138 15.30 0.76 2.74
N VAL A 139 14.32 -0.08 2.46
CA VAL A 139 13.12 -0.20 3.29
C VAL A 139 12.80 -1.66 3.53
N LEU A 140 12.61 -2.01 4.79
CA LEU A 140 12.11 -3.34 5.12
C LEU A 140 10.65 -3.19 5.50
N VAL A 141 9.82 -4.00 4.90
CA VAL A 141 8.42 -3.97 5.18
C VAL A 141 8.02 -5.25 5.92
N VAL A 142 7.71 -5.13 7.20
CA VAL A 142 7.19 -6.26 7.96
C VAL A 142 5.75 -6.41 7.53
N ASP A 143 5.48 -7.52 6.86
CA ASP A 143 4.39 -7.71 5.91
C ASP A 143 3.50 -8.84 6.38
N THR A 144 2.45 -8.51 7.11
CA THR A 144 1.58 -9.52 7.72
C THR A 144 0.10 -9.21 7.54
N ALA A 145 -0.72 -10.23 7.69
CA ALA A 145 -2.16 -10.10 7.61
C ALA A 145 -2.72 -9.39 8.84
N HIS A 146 -1.98 -9.47 9.94
CA HIS A 146 -2.46 -8.91 11.20
C HIS A 146 -1.30 -8.41 12.03
N ALA A 147 -1.07 -7.10 12.02
CA ALA A 147 0.09 -6.53 12.69
C ALA A 147 -0.16 -6.22 14.16
N HIS A 148 -1.41 -6.31 14.60
CA HIS A 148 -1.76 -6.01 15.98
C HIS A 148 -1.48 -7.21 16.90
N ASN A 149 -0.20 -7.48 17.08
CA ASN A 149 0.24 -8.72 17.70
C ASN A 149 1.66 -8.52 18.17
N ARG A 150 2.00 -9.10 19.32
CA ARG A 150 3.31 -8.87 19.93
C ARG A 150 4.48 -9.33 19.07
N LYS A 151 4.33 -10.44 18.36
CA LYS A 151 5.41 -10.93 17.51
C LYS A 151 5.76 -9.92 16.41
N VAL A 152 4.72 -9.35 15.79
CA VAL A 152 4.93 -8.35 14.74
C VAL A 152 5.55 -7.07 15.30
N LEU A 153 5.02 -6.62 16.43
CA LEU A 153 5.53 -5.43 17.10
C LEU A 153 6.98 -5.64 17.50
N ASP A 154 7.29 -6.82 18.01
CA ASP A 154 8.67 -7.14 18.40
C ASP A 154 9.62 -7.11 17.20
N MET A 155 9.17 -7.63 16.07
CA MET A 155 10.01 -7.67 14.88
C MET A 155 10.32 -6.25 14.39
N VAL A 156 9.30 -5.40 14.33
CA VAL A 156 9.48 -4.00 13.96
C VAL A 156 10.49 -3.34 14.89
N HIS A 157 10.28 -3.52 16.19
CA HIS A 157 11.16 -2.89 17.18
C HIS A 157 12.59 -3.41 17.07
N ARG A 158 12.75 -4.72 16.92
CA ARG A 158 14.07 -5.31 16.81
C ARG A 158 14.81 -4.82 15.57
N LEU A 159 14.11 -4.74 14.44
CA LEU A 159 14.72 -4.21 13.22
C LEU A 159 15.13 -2.76 13.42
N LYS A 160 14.25 -1.95 13.99
CA LYS A 160 14.56 -0.53 14.16
C LYS A 160 15.76 -0.32 15.07
N THR A 161 15.88 -1.14 16.11
CA THR A 161 17.00 -0.99 17.05
C THR A 161 18.30 -1.56 16.48
N THR A 162 18.19 -2.47 15.53
CA THR A 162 19.35 -3.17 14.97
C THR A 162 19.90 -2.50 13.71
N VAL A 163 19.02 -2.18 12.77
CA VAL A 163 19.45 -1.65 11.47
C VAL A 163 18.77 -0.33 11.15
N GLY A 164 18.12 0.26 12.15
CA GLY A 164 17.27 1.42 11.95
C GLY A 164 17.97 2.69 11.52
N ASP A 165 19.28 2.76 11.73
CA ASP A 165 20.02 3.94 11.33
C ASP A 165 20.16 4.01 9.81
N GLU A 166 20.19 2.86 9.16
CA GLU A 166 20.45 2.80 7.72
C GLU A 166 19.24 2.33 6.91
N ILE A 167 18.25 1.75 7.60
CA ILE A 167 17.10 1.17 6.92
C ILE A 167 15.83 1.66 7.59
N GLU A 168 14.86 2.08 6.78
CA GLU A 168 13.54 2.46 7.29
C GLU A 168 12.66 1.23 7.40
N VAL A 169 11.91 1.14 8.50
CA VAL A 169 11.12 -0.05 8.82
C VAL A 169 9.63 0.26 8.80
N VAL A 170 8.92 -0.39 7.89
CA VAL A 170 7.47 -0.24 7.76
C VAL A 170 6.81 -1.46 8.42
N GLY A 171 5.70 -1.24 9.13
CA GLY A 171 4.93 -2.33 9.69
C GLY A 171 3.50 -2.31 9.19
N GLY A 172 2.90 -3.49 9.03
CA GLY A 172 1.52 -3.57 8.58
C GLY A 172 1.10 -5.02 8.51
N ASN A 173 -0.17 -5.29 8.23
CA ASN A 173 -1.18 -4.25 8.01
C ASN A 173 -2.09 -4.09 9.19
N VAL A 174 -2.65 -2.89 9.34
CA VAL A 174 -3.59 -2.61 10.41
C VAL A 174 -4.85 -1.99 9.85
N ALA A 175 -5.88 -1.93 10.67
CA ALA A 175 -7.13 -1.34 10.23
C ALA A 175 -7.80 -0.51 11.31
N THR A 176 -7.12 -0.34 12.45
CA THR A 176 -7.69 0.44 13.55
C THR A 176 -6.68 1.43 14.10
N ARG A 177 -7.21 2.41 14.83
CA ARG A 177 -6.41 3.41 15.51
C ARG A 177 -5.48 2.76 16.53
N ALA A 178 -6.02 1.83 17.33
CA ALA A 178 -5.21 1.16 18.35
C ALA A 178 -4.03 0.36 17.77
N ALA A 179 -4.26 -0.33 16.65
CA ALA A 179 -3.21 -1.12 16.03
C ALA A 179 -2.13 -0.20 15.46
N ALA A 180 -2.55 0.89 14.81
CA ALA A 180 -1.60 1.87 14.30
C ALA A 180 -0.77 2.47 15.43
N ALA A 181 -1.44 2.79 16.54
CA ALA A 181 -0.74 3.34 17.72
C ALA A 181 0.31 2.38 18.25
N ALA A 182 0.00 1.09 18.25
CA ALA A 182 0.96 0.08 18.71
C ALA A 182 2.19 0.02 17.82
N LEU A 183 2.00 0.10 16.51
CA LEU A 183 3.13 0.10 15.59
C LEU A 183 3.98 1.34 15.78
N VAL A 184 3.32 2.48 16.01
CA VAL A 184 4.06 3.72 16.26
C VAL A 184 4.95 3.55 17.50
N GLU A 185 4.36 3.03 18.57
CA GLU A 185 5.11 2.85 19.81
C GLU A 185 6.31 1.90 19.62
N ALA A 186 6.13 0.90 18.75
CA ALA A 186 7.17 -0.09 18.49
C ALA A 186 8.33 0.48 17.66
N GLY A 187 8.12 1.66 17.07
CA GLY A 187 9.17 2.31 16.32
C GLY A 187 9.00 2.33 14.82
N ALA A 188 7.81 2.00 14.33
CA ALA A 188 7.60 1.98 12.89
C ALA A 188 7.90 3.33 12.23
N ASP A 189 8.56 3.30 11.06
CA ASP A 189 8.83 4.51 10.28
C ASP A 189 7.69 4.84 9.33
N ALA A 190 6.79 3.87 9.13
CA ALA A 190 5.52 4.08 8.42
C ALA A 190 4.59 2.95 8.83
N VAL A 191 3.28 3.21 8.74
CA VAL A 191 2.27 2.22 9.11
C VAL A 191 1.44 1.92 7.87
N LYS A 192 1.28 0.65 7.53
CA LYS A 192 0.54 0.28 6.33
C LYS A 192 -0.86 -0.18 6.71
N VAL A 193 -1.85 0.40 6.06
CA VAL A 193 -3.24 0.21 6.43
C VAL A 193 -4.01 -0.55 5.36
N GLY A 194 -4.71 -1.59 5.77
CA GLY A 194 -5.56 -2.36 4.87
C GLY A 194 -5.78 -3.77 5.37
N VAL A 195 -6.95 -4.01 5.95
CA VAL A 195 -7.35 -5.38 6.28
C VAL A 195 -8.73 -5.58 5.67
N GLY A 196 -8.79 -6.42 4.64
CA GLY A 196 -10.03 -6.63 3.90
C GLY A 196 -10.26 -5.97 2.54
N PRO A 197 -9.56 -4.86 2.19
CA PRO A 197 -10.05 -4.15 0.99
C PRO A 197 -9.45 -4.60 -0.35
N GLY A 198 -8.42 -5.43 -0.33
CA GLY A 198 -7.73 -5.80 -1.56
C GLY A 198 -8.65 -6.42 -2.59
N SER A 199 -8.42 -6.10 -3.86
CA SER A 199 -9.27 -6.60 -4.94
C SER A 199 -9.31 -8.12 -4.99
N ILE A 200 -8.21 -8.78 -4.61
CA ILE A 200 -8.12 -10.24 -4.63
C ILE A 200 -8.30 -10.86 -3.24
N CYS A 201 -8.71 -10.03 -2.28
CA CYS A 201 -8.85 -10.44 -0.89
CA CYS A 201 -8.84 -10.45 -0.89
C CYS A 201 -10.19 -11.11 -0.62
N THR A 202 -10.17 -12.23 0.11
CA THR A 202 -11.43 -12.85 0.53
C THR A 202 -11.53 -12.93 2.04
N THR A 203 -10.68 -12.20 2.74
CA THR A 203 -10.75 -12.12 4.20
C THR A 203 -12.14 -11.74 4.67
N ARG A 204 -12.79 -10.83 3.98
N ARG A 204 -12.79 -10.83 3.97
CA ARG A 204 -14.11 -10.39 4.35
CA ARG A 204 -14.10 -10.38 4.36
C ARG A 204 -15.11 -11.53 4.33
C ARG A 204 -15.12 -11.52 4.33
N VAL A 205 -15.03 -12.39 3.35
CA VAL A 205 -15.99 -13.48 3.27
C VAL A 205 -15.54 -14.75 3.99
N VAL A 206 -14.24 -15.02 4.00
CA VAL A 206 -13.73 -16.22 4.68
C VAL A 206 -13.74 -16.06 6.21
N ALA A 207 -13.25 -14.93 6.68
CA ALA A 207 -13.15 -14.68 8.10
C ALA A 207 -14.26 -13.77 8.60
N GLY A 208 -14.91 -13.02 7.70
CA GLY A 208 -15.90 -12.06 8.12
C GLY A 208 -15.30 -10.81 8.74
N VAL A 209 -14.01 -10.58 8.43
CA VAL A 209 -13.22 -9.54 9.07
C VAL A 209 -12.82 -8.49 8.04
N GLY A 210 -12.85 -7.23 8.43
CA GLY A 210 -12.30 -6.20 7.57
C GLY A 210 -12.66 -4.83 8.09
N ALA A 211 -12.16 -3.80 7.42
CA ALA A 211 -12.49 -2.44 7.74
C ALA A 211 -12.48 -1.64 6.46
N PRO A 212 -13.62 -1.03 6.11
CA PRO A 212 -13.70 -0.17 4.93
C PRO A 212 -12.58 0.86 4.94
N GLN A 213 -11.96 1.06 3.80
CA GLN A 213 -10.64 1.69 3.76
C GLN A 213 -10.57 3.19 4.09
N ILE A 214 -11.59 3.96 3.73
CA ILE A 214 -11.52 5.38 4.08
C ILE A 214 -11.55 5.54 5.60
N THR A 215 -12.47 4.83 6.25
CA THR A 215 -12.52 4.86 7.72
C THR A 215 -11.24 4.31 8.35
N ALA A 216 -10.70 3.23 7.80
CA ALA A 216 -9.45 2.66 8.31
C ALA A 216 -8.32 3.67 8.24
N ILE A 217 -8.22 4.37 7.11
CA ILE A 217 -7.19 5.40 6.94
C ILE A 217 -7.40 6.55 7.93
N LEU A 218 -8.63 7.06 8.04
CA LEU A 218 -8.89 8.16 8.98
C LEU A 218 -8.51 7.76 10.41
N GLU A 219 -8.82 6.53 10.80
CA GLU A 219 -8.48 6.05 12.14
C GLU A 219 -6.97 5.88 12.33
N ALA A 220 -6.30 5.28 11.36
CA ALA A 220 -4.86 5.06 11.48
C ALA A 220 -4.12 6.39 11.51
N VAL A 221 -4.56 7.32 10.66
CA VAL A 221 -3.95 8.65 10.62
C VAL A 221 -4.10 9.36 11.95
N ALA A 222 -5.24 9.18 12.63
CA ALA A 222 -5.47 9.81 13.92
C ALA A 222 -4.41 9.36 14.94
N ALA A 223 -3.89 8.15 14.77
CA ALA A 223 -2.83 7.62 15.66
C ALA A 223 -1.43 7.98 15.16
N CYS A 224 -1.25 8.07 13.85
CA CYS A 224 0.07 8.18 13.26
C CYS A 224 0.53 9.62 13.00
N ALA A 225 -0.37 10.44 12.45
CA ALA A 225 0.01 11.83 12.15
C ALA A 225 0.51 12.62 13.36
N PRO A 226 -0.10 12.44 14.54
CA PRO A 226 0.44 13.20 15.67
C PRO A 226 1.86 12.81 16.07
N HIS A 227 2.34 11.67 15.59
CA HIS A 227 3.70 11.24 15.88
C HIS A 227 4.61 11.35 14.65
N GLY A 228 4.12 12.01 13.60
CA GLY A 228 4.91 12.24 12.42
C GLY A 228 5.22 10.97 11.64
N VAL A 229 4.34 9.97 11.77
CA VAL A 229 4.54 8.69 11.09
C VAL A 229 3.58 8.60 9.89
N PRO A 230 4.13 8.47 8.68
CA PRO A 230 3.29 8.37 7.48
C PRO A 230 2.49 7.07 7.42
N VAL A 231 1.31 7.19 6.83
CA VAL A 231 0.42 6.04 6.61
C VAL A 231 0.43 5.68 5.13
N ILE A 232 0.65 4.40 4.85
CA ILE A 232 0.58 3.87 3.48
C ILE A 232 -0.78 3.20 3.32
N ALA A 233 -1.61 3.72 2.42
CA ALA A 233 -2.92 3.13 2.16
C ALA A 233 -2.77 1.96 1.19
N ASP A 234 -3.07 0.75 1.67
CA ASP A 234 -2.77 -0.47 0.93
C ASP A 234 -4.02 -1.31 0.67
N GLY A 235 -4.47 -1.34 -0.58
CA GLY A 235 -5.55 -2.22 -0.94
C GLY A 235 -6.83 -1.46 -1.28
N GLY A 236 -7.54 -1.95 -2.28
CA GLY A 236 -8.85 -1.42 -2.62
C GLY A 236 -8.86 -0.28 -3.61
N LEU A 237 -7.68 0.17 -4.02
CA LEU A 237 -7.62 1.28 -4.97
C LEU A 237 -7.86 0.78 -6.38
N GLN A 238 -8.95 1.25 -7.00
CA GLN A 238 -9.38 0.72 -8.29
C GLN A 238 -9.17 1.73 -9.41
N TYR A 239 -9.13 3.00 -9.04
CA TYR A 239 -9.07 4.09 -10.00
C TYR A 239 -8.09 5.13 -9.51
N SER A 240 -7.60 5.96 -10.42
CA SER A 240 -6.69 7.00 -10.03
C SER A 240 -7.32 7.92 -8.98
N GLY A 241 -8.64 8.10 -9.06
CA GLY A 241 -9.33 8.96 -8.10
C GLY A 241 -9.27 8.41 -6.69
N ASP A 242 -9.17 7.09 -6.56
CA ASP A 242 -9.02 6.49 -5.25
C ASP A 242 -7.70 6.86 -4.59
N ILE A 243 -6.66 7.07 -5.39
CA ILE A 243 -5.39 7.53 -4.84
C ILE A 243 -5.59 8.90 -4.19
N ALA A 244 -6.25 9.81 -4.89
CA ALA A 244 -6.53 11.11 -4.30
C ALA A 244 -7.37 11.00 -3.04
N LYS A 245 -8.38 10.14 -3.04
CA LYS A 245 -9.19 9.98 -1.85
C LYS A 245 -8.38 9.45 -0.67
N ALA A 246 -7.52 8.46 -0.92
CA ALA A 246 -6.73 7.87 0.14
C ALA A 246 -5.81 8.91 0.76
N LEU A 247 -5.17 9.72 -0.08
CA LEU A 247 -4.28 10.77 0.42
C LEU A 247 -5.06 11.86 1.15
N ALA A 248 -6.22 12.24 0.62
CA ALA A 248 -7.03 13.24 1.30
C ALA A 248 -7.51 12.75 2.66
N ALA A 249 -7.73 11.44 2.79
CA ALA A 249 -8.13 10.86 4.07
C ALA A 249 -6.96 10.91 5.06
N GLY A 250 -5.77 11.21 4.56
CA GLY A 250 -4.63 11.43 5.42
C GLY A 250 -3.44 10.54 5.17
N ALA A 251 -3.58 9.55 4.29
CA ALA A 251 -2.44 8.70 3.94
C ALA A 251 -1.37 9.55 3.24
N SER A 252 -0.14 9.08 3.27
CA SER A 252 0.97 9.79 2.62
C SER A 252 1.37 9.13 1.31
N THR A 253 1.17 7.81 1.21
CA THR A 253 1.37 7.12 -0.05
C THR A 253 0.28 6.06 -0.22
N ALA A 254 0.18 5.53 -1.42
CA ALA A 254 -0.73 4.44 -1.74
C ALA A 254 0.05 3.27 -2.29
N MET A 255 -0.27 2.06 -1.81
CA MET A 255 0.29 0.83 -2.35
C MET A 255 -0.71 0.18 -3.30
N LEU A 256 -0.23 -0.18 -4.49
CA LEU A 256 -1.10 -0.67 -5.56
C LEU A 256 -0.74 -2.09 -6.00
N GLY A 257 -1.75 -2.96 -6.04
CA GLY A 257 -1.60 -4.29 -6.57
C GLY A 257 -2.30 -4.43 -7.92
N SER A 258 -3.63 -4.51 -7.90
CA SER A 258 -4.40 -4.68 -9.13
CA SER A 258 -4.39 -4.70 -9.14
C SER A 258 -4.06 -3.68 -10.23
N LEU A 259 -3.90 -2.42 -9.84
CA LEU A 259 -3.66 -1.36 -10.83
C LEU A 259 -2.34 -1.50 -11.55
N LEU A 260 -1.41 -2.26 -10.98
CA LEU A 260 -0.09 -2.43 -11.58
C LEU A 260 0.15 -3.85 -12.11
N ALA A 261 -0.71 -4.79 -11.72
CA ALA A 261 -0.51 -6.19 -12.12
C ALA A 261 -0.69 -6.42 -13.62
N GLY A 262 -1.40 -5.52 -14.28
CA GLY A 262 -1.60 -5.65 -15.71
C GLY A 262 -0.50 -5.04 -16.56
N THR A 263 0.57 -4.55 -15.94
CA THR A 263 1.60 -3.85 -16.70
C THR A 263 2.67 -4.79 -17.23
N ALA A 264 3.42 -4.31 -18.22
CA ALA A 264 4.45 -5.10 -18.83
C ALA A 264 5.50 -5.56 -17.82
N GLU A 265 5.80 -4.69 -16.86
CA GLU A 265 6.87 -4.93 -15.88
C GLU A 265 6.51 -5.92 -14.77
N SER A 266 5.23 -6.25 -14.61
CA SER A 266 4.87 -7.22 -13.58
C SER A 266 5.33 -8.61 -14.01
N PRO A 267 5.55 -9.51 -13.05
CA PRO A 267 5.90 -10.89 -13.39
C PRO A 267 4.74 -11.57 -14.11
N GLY A 268 5.04 -12.65 -14.84
CA GLY A 268 3.98 -13.44 -15.42
C GLY A 268 3.74 -13.17 -16.90
N GLU A 269 3.17 -14.17 -17.55
CA GLU A 269 2.97 -14.13 -18.99
C GLU A 269 1.68 -13.41 -19.38
N LEU A 270 1.59 -13.03 -20.64
CA LEU A 270 0.36 -12.51 -21.19
C LEU A 270 -0.60 -13.67 -21.35
N ILE A 271 -1.87 -13.47 -21.10
CA ILE A 271 -2.89 -14.48 -21.29
C ILE A 271 -3.95 -13.98 -22.23
N LEU A 272 -4.28 -14.77 -23.25
CA LEU A 272 -5.29 -14.41 -24.22
C LEU A 272 -6.59 -15.18 -23.96
N VAL A 273 -7.65 -14.44 -23.64
CA VAL A 273 -8.96 -15.05 -23.41
C VAL A 273 -10.04 -14.27 -24.15
N ASN A 274 -10.78 -14.98 -25.00
CA ASN A 274 -11.85 -14.37 -25.81
C ASN A 274 -11.41 -13.13 -26.59
N GLY A 275 -10.21 -13.19 -27.14
CA GLY A 275 -9.71 -12.12 -28.00
C GLY A 275 -9.11 -10.94 -27.25
N LYS A 276 -9.11 -11.01 -25.92
CA LYS A 276 -8.60 -9.91 -25.10
C LYS A 276 -7.37 -10.35 -24.29
N GLN A 277 -6.48 -9.39 -24.03
CA GLN A 277 -5.25 -9.67 -23.30
C GLN A 277 -5.36 -9.38 -21.81
N PHE A 278 -4.82 -10.31 -21.02
CA PHE A 278 -4.84 -10.22 -19.57
C PHE A 278 -3.51 -10.68 -18.99
N LYS A 279 -3.30 -10.39 -17.72
CA LYS A 279 -2.24 -11.05 -16.95
C LYS A 279 -2.84 -11.64 -15.69
N SER A 280 -2.25 -12.71 -15.19
CA SER A 280 -2.71 -13.32 -13.96
C SER A 280 -2.36 -12.42 -12.78
N TYR A 281 -3.28 -12.35 -11.84
CA TYR A 281 -3.06 -11.58 -10.63
C TYR A 281 -3.68 -12.39 -9.49
N ARG A 282 -2.89 -12.66 -8.46
CA ARG A 282 -3.38 -13.53 -7.40
C ARG A 282 -3.01 -13.03 -6.01
N GLY A 283 -3.87 -13.30 -5.05
CA GLY A 283 -3.56 -12.98 -3.68
C GLY A 283 -2.39 -13.80 -3.17
N MET A 284 -1.64 -13.24 -2.25
CA MET A 284 -0.55 -14.02 -1.64
C MET A 284 -1.10 -15.05 -0.66
N GLY A 285 -2.39 -14.93 -0.34
CA GLY A 285 -3.09 -15.92 0.45
C GLY A 285 -3.98 -16.79 -0.41
N SER A 286 -3.78 -16.79 -1.72
CA SER A 286 -4.51 -17.71 -2.59
C SER A 286 -3.88 -19.09 -2.51
N LEU A 287 -4.61 -20.10 -2.97
CA LEU A 287 -4.10 -21.46 -2.96
C LEU A 287 -2.78 -21.57 -3.71
N GLY A 288 -2.76 -21.02 -4.93
CA GLY A 288 -1.58 -21.09 -5.78
C GLY A 288 -0.35 -20.43 -5.20
N ALA A 289 -0.54 -19.32 -4.50
CA ALA A 289 0.58 -18.61 -3.88
C ALA A 289 1.11 -19.36 -2.65
N MET A 290 0.21 -19.97 -1.92
CA MET A 290 0.60 -20.72 -0.75
C MET A 290 1.25 -22.00 -1.18
N GLN A 291 0.91 -22.46 -2.37
CA GLN A 291 1.57 -23.49 -3.17
C GLN A 291 0.68 -24.67 -3.38
N VAL A 316 -6.33 -22.74 4.42
CA VAL A 316 -7.53 -21.92 4.31
C VAL A 316 -7.22 -20.59 3.62
N PRO A 317 -7.43 -20.55 2.30
CA PRO A 317 -7.09 -19.36 1.52
C PRO A 317 -7.91 -18.13 1.89
N GLU A 318 -7.25 -16.98 1.82
CA GLU A 318 -7.93 -15.70 2.01
C GLU A 318 -7.64 -14.79 0.83
N GLY A 319 -7.33 -15.39 -0.31
CA GLY A 319 -7.17 -14.65 -1.55
C GLY A 319 -7.62 -15.50 -2.71
N ILE A 320 -7.88 -14.86 -3.85
CA ILE A 320 -8.24 -15.61 -5.05
C ILE A 320 -7.17 -15.46 -6.11
N GLU A 321 -7.27 -16.30 -7.12
CA GLU A 321 -6.43 -16.22 -8.29
C GLU A 321 -7.27 -15.73 -9.42
N GLY A 322 -6.94 -14.58 -9.98
CA GLY A 322 -7.72 -14.02 -11.06
C GLY A 322 -6.86 -13.48 -12.16
N ARG A 323 -7.44 -12.56 -12.93
CA ARG A 323 -6.71 -11.88 -13.99
C ARG A 323 -7.19 -10.45 -14.13
N VAL A 324 -6.30 -9.60 -14.62
CA VAL A 324 -6.60 -8.20 -14.83
C VAL A 324 -6.26 -7.88 -16.26
N PRO A 325 -6.96 -6.91 -16.86
CA PRO A 325 -6.65 -6.53 -18.23
C PRO A 325 -5.18 -6.12 -18.38
N PHE A 326 -4.59 -6.47 -19.52
CA PHE A 326 -3.24 -6.01 -19.81
C PHE A 326 -3.26 -4.52 -20.11
N ARG A 327 -2.37 -3.79 -19.48
CA ARG A 327 -2.39 -2.36 -19.52
C ARG A 327 -1.21 -1.67 -20.17
N GLY A 328 -0.23 -2.44 -20.57
CA GLY A 328 0.91 -1.90 -21.24
C GLY A 328 2.01 -1.54 -20.32
N PRO A 329 2.89 -0.63 -20.70
CA PRO A 329 4.04 -0.29 -19.83
C PRO A 329 3.71 0.43 -18.49
N LEU A 330 4.47 0.23 -17.42
CA LEU A 330 4.20 0.86 -16.21
C LEU A 330 4.25 2.34 -16.38
N SER A 331 5.26 2.83 -17.07
CA SER A 331 5.46 4.27 -17.17
C SER A 331 4.17 4.96 -17.58
N THR A 332 3.44 4.33 -18.51
N THR A 332 3.39 4.33 -18.46
CA THR A 332 2.20 4.88 -19.01
CA THR A 332 2.20 4.97 -18.93
C THR A 332 1.07 4.83 -17.98
C THR A 332 1.01 4.81 -17.99
N VAL A 333 0.95 3.70 -17.28
CA VAL A 333 -0.03 3.58 -16.21
C VAL A 333 0.22 4.61 -15.11
N ILE A 334 1.48 4.75 -14.70
CA ILE A 334 1.83 5.71 -13.65
C ILE A 334 1.49 7.13 -14.12
N HIS A 335 1.73 7.44 -15.39
CA HIS A 335 1.39 8.77 -15.90
C HIS A 335 -0.10 9.06 -15.75
N GLN A 336 -0.95 8.09 -16.09
CA GLN A 336 -2.38 8.26 -15.97
C GLN A 336 -2.80 8.39 -14.50
N LEU A 337 -2.23 7.56 -13.65
CA LEU A 337 -2.55 7.61 -12.22
C LEU A 337 -2.13 8.95 -11.62
N VAL A 338 -0.90 9.39 -11.92
CA VAL A 338 -0.45 10.66 -11.39
C VAL A 338 -1.23 11.82 -12.01
N GLY A 339 -1.67 11.64 -13.26
CA GLY A 339 -2.48 12.65 -13.92
C GLY A 339 -3.79 12.89 -13.17
N GLY A 340 -4.44 11.81 -12.77
CA GLY A 340 -5.68 11.91 -12.01
C GLY A 340 -5.44 12.56 -10.67
N LEU A 341 -4.37 12.15 -9.99
CA LEU A 341 -3.98 12.79 -8.73
C LEU A 341 -3.77 14.29 -8.92
N ARG A 342 -3.06 14.68 -9.96
CA ARG A 342 -2.81 16.09 -10.24
C ARG A 342 -4.10 16.86 -10.46
N ALA A 343 -5.04 16.25 -11.19
CA ALA A 343 -6.35 16.85 -11.39
C ALA A 343 -7.04 17.11 -10.05
N ALA A 344 -7.03 16.12 -9.15
CA ALA A 344 -7.62 16.28 -7.83
C ALA A 344 -6.95 17.41 -7.04
N MET A 345 -5.62 17.50 -7.17
CA MET A 345 -4.90 18.54 -6.45
C MET A 345 -5.33 19.92 -6.97
N GLY A 346 -5.49 20.02 -8.28
CA GLY A 346 -6.02 21.24 -8.87
C GLY A 346 -7.43 21.56 -8.36
N TYR A 347 -8.32 20.58 -8.39
CA TYR A 347 -9.70 20.82 -7.96
C TYR A 347 -9.81 21.22 -6.49
N THR A 348 -8.90 20.72 -5.65
CA THR A 348 -8.98 20.94 -4.21
C THR A 348 -8.08 22.08 -3.72
N GLY A 349 -7.38 22.71 -4.65
CA GLY A 349 -6.45 23.77 -4.31
C GLY A 349 -5.27 23.30 -3.48
N SER A 350 -4.84 22.07 -3.75
CA SER A 350 -3.75 21.47 -2.99
C SER A 350 -2.42 21.57 -3.72
N ALA A 351 -1.51 22.41 -3.22
CA ALA A 351 -0.24 22.62 -3.90
C ALA A 351 0.72 21.45 -3.67
N THR A 352 0.50 20.76 -2.56
CA THR A 352 1.37 19.68 -2.11
C THR A 352 0.49 18.56 -1.58
N ILE A 353 1.08 17.39 -1.36
CA ILE A 353 0.35 16.28 -0.76
C ILE A 353 -0.06 16.60 0.67
N GLU A 354 0.77 17.32 1.40
CA GLU A 354 0.41 17.74 2.74
C GLU A 354 -0.85 18.61 2.75
N GLU A 355 -1.01 19.45 1.72
CA GLU A 355 -2.25 20.21 1.60
C GLU A 355 -3.44 19.33 1.21
N LEU A 356 -3.22 18.37 0.32
CA LEU A 356 -4.28 17.45 -0.08
C LEU A 356 -4.83 16.67 1.13
N GLN A 357 -3.96 16.38 2.08
CA GLN A 357 -4.36 15.67 3.30
C GLN A 357 -5.35 16.45 4.16
N GLN A 358 -5.55 17.74 3.84
CA GLN A 358 -6.50 18.54 4.57
C GLN A 358 -7.81 18.78 3.80
N ALA A 359 -7.94 18.16 2.63
CA ALA A 359 -9.13 18.35 1.81
C ALA A 359 -10.37 17.73 2.45
N GLN A 360 -11.54 18.18 2.03
CA GLN A 360 -12.78 17.65 2.56
C GLN A 360 -13.53 16.76 1.60
N PHE A 361 -14.35 15.87 2.16
CA PHE A 361 -15.18 14.94 1.41
C PHE A 361 -16.67 15.29 1.52
N VAL A 362 -17.42 14.83 0.54
CA VAL A 362 -18.86 14.71 0.66
C VAL A 362 -19.18 13.21 0.62
N GLN A 363 -20.08 12.77 1.47
CA GLN A 363 -20.46 11.37 1.44
C GLN A 363 -21.59 11.19 0.45
N ILE A 364 -21.56 10.12 -0.32
CA ILE A 364 -22.59 9.92 -1.32
C ILE A 364 -23.45 8.72 -0.96
N THR A 365 -24.60 8.61 -1.59
CA THR A 365 -25.53 7.52 -1.33
C THR A 365 -25.33 6.44 -2.39
N ALA A 366 -26.07 5.34 -2.23
CA ALA A 366 -26.07 4.26 -3.21
C ALA A 366 -26.42 4.75 -4.62
N ALA A 367 -27.36 5.68 -4.71
CA ALA A 367 -27.83 6.17 -6.00
C ALA A 367 -26.71 6.89 -6.74
N GLY A 368 -25.85 7.57 -5.99
CA GLY A 368 -24.77 8.33 -6.58
C GLY A 368 -23.63 7.45 -7.03
#